data_5OW9
#
_entry.id   5OW9
#
_cell.length_a   65.980
_cell.length_b   65.980
_cell.length_c   262.870
_cell.angle_alpha   90.00
_cell.angle_beta   90.00
_cell.angle_gamma   120.00
#
_symmetry.space_group_name_H-M   'P 65 2 2'
#
loop_
_entity.id
_entity.type
_entity.pdbx_description
1 polymer 'Vitamin D3 receptor A'
2 polymer 'Nuclear receptor coactivator 1'
3 non-polymer (1~{S},3~{Z})-3-[(2~{E})-2-[(1~{S},3~{a}~{S},7~{a}~{S})-7~{a}-methyl-1-[(2~{S})-6-methyl-2-oxidanyl-heptan-2-yl]-2,3,3~{a},5,6,7-hexahydro-1~{H}-inden-4-ylidene]ethylidene]-4-methylidene-cyclohexan-1-ol
4 water water
#
loop_
_entity_poly.entity_id
_entity_poly.type
_entity_poly.pdbx_seq_one_letter_code
_entity_poly.pdbx_strand_id
1 'polypeptide(L)'
;GSHMLSDEQMQIINSLVEAHHKTYDDSYSDFVRFRPPVREGPVTRSASRAASLHSLSDASSDSFNHSPESVDTKLNFSNL
LMMYQDSGSPDSSEEDQQSRLSMLPHLADLVSYSIQKVIGFAKMIPGFRDLTAEDQIALLKSSAIEIIMLRSNQSFSLED
MSWSCGGPDFKYCINDVTKAGHTLELLEPLVKFQVGLKKLKLHEEEHVLLMAICLLSPDRPGVQDHVRIEALQDRLCDVL
QAYIRIQHPGGRLLYAKMIQKLADLRSLNEEHSKQYRSLSFQPEHSMQLTPLVLEVFGSEVS
;
A
2 'polypeptide(L)' RHKILHRLLQEGSPS B
#
# COMPACT_ATOMS: atom_id res chain seq x y z
N HIS A 3 5.06 -5.29 31.04
CA HIS A 3 3.84 -4.77 30.42
C HIS A 3 2.98 -5.85 29.74
N MET A 4 1.69 -5.50 29.51
CA MET A 4 0.64 -6.33 28.91
C MET A 4 -0.29 -5.41 28.10
N LEU A 5 -0.83 -5.87 26.95
CA LEU A 5 -1.72 -5.01 26.16
C LEU A 5 -3.20 -5.33 26.45
N SER A 6 -4.06 -4.29 26.42
CA SER A 6 -5.47 -4.37 26.76
C SER A 6 -6.32 -5.12 25.73
N ASP A 7 -7.58 -5.40 26.12
CA ASP A 7 -8.57 -6.08 25.26
C ASP A 7 -8.91 -5.20 24.06
N GLU A 8 -8.95 -3.87 24.27
CA GLU A 8 -9.22 -2.86 23.25
C GLU A 8 -8.13 -2.88 22.16
N GLN A 9 -6.84 -2.94 22.58
CA GLN A 9 -5.65 -3.01 21.72
C GLN A 9 -5.57 -4.35 20.99
N MET A 10 -5.94 -5.44 21.69
CA MET A 10 -5.99 -6.80 21.18
C MET A 10 -7.09 -6.93 20.11
N GLN A 11 -8.27 -6.31 20.34
CA GLN A 11 -9.33 -6.35 19.33
C GLN A 11 -8.99 -5.52 18.08
N ILE A 12 -8.16 -4.44 18.24
CA ILE A 12 -7.70 -3.63 17.10
C ILE A 12 -6.82 -4.51 16.18
N ILE A 13 -5.89 -5.27 16.79
CA ILE A 13 -5.00 -6.21 16.12
C ILE A 13 -5.83 -7.26 15.40
N ASN A 14 -6.77 -7.93 16.13
CA ASN A 14 -7.65 -8.95 15.58
C ASN A 14 -8.42 -8.49 14.35
N SER A 15 -8.96 -7.25 14.38
CA SER A 15 -9.71 -6.68 13.26
C SER A 15 -8.80 -6.44 12.07
N LEU A 16 -7.57 -5.92 12.32
CA LEU A 16 -6.61 -5.61 11.25
C LEU A 16 -6.06 -6.86 10.56
N VAL A 17 -5.67 -7.93 11.30
CA VAL A 17 -5.14 -9.13 10.61
C VAL A 17 -6.28 -9.84 9.85
N GLU A 18 -7.52 -9.82 10.40
CA GLU A 18 -8.71 -10.40 9.77
C GLU A 18 -9.01 -9.65 8.47
N ALA A 19 -8.89 -8.30 8.47
CA ALA A 19 -9.08 -7.39 7.33
C ALA A 19 -8.08 -7.71 6.24
N HIS A 20 -6.79 -7.90 6.63
CA HIS A 20 -5.71 -8.25 5.73
C HIS A 20 -5.88 -9.65 5.14
N HIS A 21 -6.35 -10.61 5.94
CA HIS A 21 -6.59 -11.97 5.45
C HIS A 21 -7.73 -12.02 4.43
N LYS A 22 -8.72 -11.15 4.58
CA LYS A 22 -9.86 -11.06 3.67
C LYS A 22 -9.47 -10.38 2.34
N THR A 23 -8.47 -9.46 2.37
CA THR A 23 -8.09 -8.64 1.21
C THR A 23 -6.77 -9.04 0.53
N TYR A 24 -6.01 -9.97 1.11
CA TYR A 24 -4.77 -10.36 0.46
C TYR A 24 -4.83 -11.83 0.15
N ASP A 25 -4.99 -12.13 -1.15
CA ASP A 25 -5.07 -13.47 -1.67
C ASP A 25 -3.68 -14.04 -1.94
N ASP A 26 -3.17 -14.80 -0.97
CA ASP A 26 -1.89 -15.49 -0.97
C ASP A 26 -1.74 -16.46 -2.15
N SER A 27 -2.88 -16.90 -2.76
CA SER A 27 -2.82 -17.81 -3.90
C SER A 27 -2.52 -17.08 -5.22
N TYR A 28 -2.77 -15.73 -5.26
CA TYR A 28 -2.57 -14.87 -6.45
C TYR A 28 -3.37 -15.38 -7.64
N SER A 29 -4.46 -16.12 -7.37
CA SER A 29 -5.30 -16.79 -8.36
C SER A 29 -5.98 -15.86 -9.37
N ASP A 30 -6.23 -14.60 -9.01
CA ASP A 30 -6.87 -13.62 -9.90
C ASP A 30 -5.93 -13.02 -10.97
N PHE A 31 -4.59 -13.14 -10.79
CA PHE A 31 -3.55 -12.60 -11.70
C PHE A 31 -3.70 -13.10 -13.15
N VAL A 32 -4.35 -14.27 -13.34
CA VAL A 32 -4.61 -14.86 -14.67
C VAL A 32 -5.66 -14.03 -15.45
N ARG A 33 -6.50 -13.25 -14.73
CA ARG A 33 -7.57 -12.39 -15.27
C ARG A 33 -7.03 -11.04 -15.83
N PHE A 34 -5.80 -10.67 -15.47
CA PHE A 34 -5.18 -9.42 -15.94
C PHE A 34 -4.74 -9.58 -17.39
N ARG A 35 -4.59 -8.45 -18.11
CA ARG A 35 -4.04 -8.42 -19.47
C ARG A 35 -2.66 -9.08 -19.30
N PRO A 36 -2.30 -10.07 -20.14
CA PRO A 36 -1.05 -10.80 -19.92
C PRO A 36 0.25 -10.00 -19.85
N PRO A 37 1.24 -10.47 -19.08
CA PRO A 37 2.54 -9.78 -19.07
C PRO A 37 3.23 -9.93 -20.43
N VAL A 38 3.96 -8.90 -20.86
CA VAL A 38 4.69 -9.00 -22.12
C VAL A 38 6.14 -8.64 -21.87
N ARG A 39 7.03 -9.62 -22.05
CA ARG A 39 8.47 -9.52 -21.85
C ARG A 39 9.20 -9.95 -23.12
N ARG A 100 7.48 -0.63 -27.13
CA ARG A 100 7.71 0.01 -25.81
C ARG A 100 6.53 -0.23 -24.85
N LEU A 101 6.79 -0.05 -23.54
CA LEU A 101 5.90 -0.21 -22.39
C LEU A 101 5.01 -1.46 -22.49
N SER A 102 5.65 -2.61 -22.76
CA SER A 102 4.98 -3.91 -22.93
C SER A 102 4.38 -4.47 -21.65
N MET A 103 4.93 -4.06 -20.49
CA MET A 103 4.47 -4.51 -19.17
C MET A 103 3.38 -3.61 -18.56
N LEU A 104 3.15 -2.42 -19.17
CA LEU A 104 2.16 -1.46 -18.70
C LEU A 104 0.73 -2.05 -18.59
N PRO A 105 0.14 -2.74 -19.60
CA PRO A 105 -1.22 -3.29 -19.40
C PRO A 105 -1.35 -4.22 -18.19
N HIS A 106 -0.42 -5.18 -18.06
CA HIS A 106 -0.42 -6.14 -16.94
C HIS A 106 -0.27 -5.47 -15.57
N LEU A 107 0.69 -4.55 -15.44
CA LEU A 107 0.98 -3.87 -14.17
C LEU A 107 -0.09 -2.84 -13.81
N ALA A 108 -0.81 -2.31 -14.83
CA ALA A 108 -1.92 -1.38 -14.60
C ALA A 108 -3.08 -2.20 -14.02
N ASP A 109 -3.28 -3.44 -14.55
CA ASP A 109 -4.31 -4.36 -14.06
C ASP A 109 -4.00 -4.82 -12.65
N LEU A 110 -2.71 -5.14 -12.38
CA LEU A 110 -2.25 -5.50 -11.05
C LEU A 110 -2.44 -4.35 -10.07
N VAL A 111 -2.03 -3.11 -10.41
CA VAL A 111 -2.25 -1.94 -9.54
C VAL A 111 -3.75 -1.70 -9.30
N SER A 112 -4.58 -1.74 -10.35
CA SER A 112 -6.03 -1.56 -10.23
C SER A 112 -6.65 -2.58 -9.25
N TYR A 113 -6.25 -3.85 -9.37
CA TYR A 113 -6.73 -4.91 -8.50
C TYR A 113 -6.29 -4.64 -7.04
N SER A 114 -5.02 -4.23 -6.85
CA SER A 114 -4.45 -3.89 -5.55
C SER A 114 -5.18 -2.71 -4.88
N ILE A 115 -5.54 -1.66 -5.66
CA ILE A 115 -6.31 -0.50 -5.15
C ILE A 115 -7.65 -0.97 -4.54
N GLN A 116 -8.38 -1.88 -5.23
CA GLN A 116 -9.64 -2.45 -4.74
C GLN A 116 -9.42 -3.16 -3.38
N LYS A 117 -8.31 -3.91 -3.29
CA LYS A 117 -7.93 -4.64 -2.07
C LYS A 117 -7.61 -3.69 -0.93
N VAL A 118 -6.97 -2.53 -1.24
CA VAL A 118 -6.62 -1.49 -0.27
C VAL A 118 -7.91 -0.82 0.22
N ILE A 119 -8.87 -0.53 -0.70
CA ILE A 119 -10.17 0.05 -0.32
C ILE A 119 -10.85 -0.92 0.67
N GLY A 120 -10.90 -2.21 0.32
CA GLY A 120 -11.47 -3.29 1.14
C GLY A 120 -10.84 -3.35 2.52
N PHE A 121 -9.48 -3.29 2.59
CA PHE A 121 -8.75 -3.27 3.87
C PHE A 121 -9.11 -2.01 4.67
N ALA A 122 -8.99 -0.82 4.06
CA ALA A 122 -9.30 0.47 4.68
C ALA A 122 -10.72 0.48 5.31
N LYS A 123 -11.74 -0.07 4.61
CA LYS A 123 -13.13 -0.12 5.11
C LYS A 123 -13.27 -0.97 6.38
N MET A 124 -12.29 -1.86 6.65
CA MET A 124 -12.33 -2.72 7.82
C MET A 124 -11.49 -2.18 8.98
N ILE A 125 -10.83 -1.03 8.78
CA ILE A 125 -10.05 -0.37 9.83
C ILE A 125 -11.03 0.37 10.77
N PRO A 126 -10.97 0.08 12.11
CA PRO A 126 -11.89 0.75 13.04
C PRO A 126 -11.77 2.28 13.02
N GLY A 127 -12.89 2.93 12.72
CA GLY A 127 -12.94 4.37 12.65
C GLY A 127 -12.83 4.95 11.25
N PHE A 128 -12.31 4.17 10.28
CA PHE A 128 -12.18 4.61 8.88
C PHE A 128 -13.55 4.84 8.23
N ARG A 129 -14.47 3.86 8.31
CA ARG A 129 -15.81 3.96 7.74
C ARG A 129 -16.62 5.10 8.37
N ASP A 130 -16.35 5.43 9.65
CA ASP A 130 -16.97 6.48 10.44
C ASP A 130 -16.60 7.87 9.92
N LEU A 131 -15.42 8.02 9.27
CA LEU A 131 -14.97 9.28 8.70
C LEU A 131 -15.87 9.70 7.54
N THR A 132 -15.75 10.96 7.13
CA THR A 132 -16.52 11.50 6.02
C THR A 132 -16.01 10.87 4.70
N ALA A 133 -16.89 10.77 3.68
CA ALA A 133 -16.55 10.19 2.38
C ALA A 133 -15.37 10.94 1.74
N GLU A 134 -15.33 12.27 1.94
CA GLU A 134 -14.28 13.17 1.43
C GLU A 134 -12.92 12.83 2.07
N ASP A 135 -12.89 12.64 3.42
CA ASP A 135 -11.67 12.26 4.16
C ASP A 135 -11.21 10.85 3.74
N GLN A 136 -12.17 9.88 3.65
CA GLN A 136 -11.89 8.51 3.18
C GLN A 136 -11.21 8.53 1.79
N ILE A 137 -11.75 9.34 0.84
CA ILE A 137 -11.18 9.51 -0.51
C ILE A 137 -9.80 10.19 -0.43
N ALA A 138 -9.64 11.28 0.38
CA ALA A 138 -8.35 11.99 0.50
C ALA A 138 -7.20 11.07 0.98
N LEU A 139 -7.49 10.25 2.02
CA LEU A 139 -6.55 9.31 2.61
C LEU A 139 -6.15 8.25 1.60
N LEU A 140 -7.14 7.68 0.88
CA LEU A 140 -6.85 6.67 -0.14
C LEU A 140 -6.15 7.23 -1.35
N LYS A 141 -6.54 8.42 -1.86
CA LYS A 141 -5.86 9.00 -3.03
C LYS A 141 -4.39 9.31 -2.71
N SER A 142 -4.11 9.71 -1.46
CA SER A 142 -2.74 10.02 -1.06
C SER A 142 -1.91 8.83 -0.66
N SER A 143 -2.47 7.88 0.11
CA SER A 143 -1.72 6.74 0.61
C SER A 143 -1.75 5.49 -0.26
N ALA A 144 -2.70 5.39 -1.22
CA ALA A 144 -2.85 4.19 -2.05
C ALA A 144 -1.53 3.54 -2.51
N ILE A 145 -0.63 4.31 -3.16
CA ILE A 145 0.64 3.79 -3.67
C ILE A 145 1.60 3.33 -2.56
N GLU A 146 1.55 3.94 -1.38
CA GLU A 146 2.40 3.57 -0.26
C GLU A 146 1.95 2.23 0.33
N ILE A 147 0.61 2.03 0.44
CA ILE A 147 0.01 0.77 0.92
C ILE A 147 0.32 -0.36 -0.04
N ILE A 148 0.26 -0.09 -1.36
CA ILE A 148 0.57 -1.08 -2.41
C ILE A 148 2.03 -1.55 -2.26
N MET A 149 2.98 -0.60 -2.04
CA MET A 149 4.40 -0.89 -1.86
C MET A 149 4.62 -1.68 -0.58
N LEU A 150 3.88 -1.32 0.50
CA LEU A 150 3.96 -2.04 1.79
C LEU A 150 3.43 -3.47 1.61
N ARG A 151 2.19 -3.61 1.13
CA ARG A 151 1.56 -4.90 0.98
C ARG A 151 2.31 -5.80 -0.03
N SER A 152 2.99 -5.20 -1.05
CA SER A 152 3.79 -5.95 -2.04
C SER A 152 4.94 -6.72 -1.40
N ASN A 153 5.39 -6.27 -0.21
CA ASN A 153 6.49 -6.91 0.53
C ASN A 153 6.22 -8.38 0.88
N GLN A 154 4.95 -8.80 0.91
CA GLN A 154 4.58 -10.19 1.17
C GLN A 154 5.04 -11.14 0.05
N SER A 155 5.08 -10.64 -1.21
CA SER A 155 5.50 -11.43 -2.35
C SER A 155 6.99 -11.24 -2.67
N PHE A 156 7.63 -10.23 -2.05
CA PHE A 156 9.03 -9.91 -2.32
C PHE A 156 9.98 -11.00 -1.83
N SER A 157 10.96 -11.37 -2.66
CA SER A 157 11.96 -12.39 -2.36
C SER A 157 13.32 -11.77 -2.34
N LEU A 158 14.05 -11.94 -1.23
CA LEU A 158 15.41 -11.44 -1.06
C LEU A 158 16.39 -12.18 -1.96
N GLU A 159 16.08 -13.46 -2.29
CA GLU A 159 16.87 -14.32 -3.16
C GLU A 159 16.90 -13.85 -4.63
N ASP A 160 15.72 -13.54 -5.21
CA ASP A 160 15.58 -13.12 -6.61
C ASP A 160 15.53 -11.59 -6.81
N MET A 161 15.35 -10.81 -5.72
CA MET A 161 15.21 -9.33 -5.71
C MET A 161 14.08 -8.94 -6.63
N SER A 162 12.97 -9.67 -6.46
CA SER A 162 11.78 -9.57 -7.27
C SER A 162 10.56 -9.98 -6.46
N TRP A 163 9.37 -9.61 -6.98
CA TRP A 163 8.09 -9.95 -6.36
C TRP A 163 7.61 -11.24 -7.06
N SER A 164 7.38 -12.31 -6.30
CA SER A 164 6.98 -13.60 -6.90
C SER A 164 5.53 -13.93 -6.56
N CYS A 165 4.66 -14.03 -7.59
CA CYS A 165 3.23 -14.25 -7.37
C CYS A 165 2.66 -15.52 -8.03
N GLY A 166 3.20 -16.67 -7.63
CA GLY A 166 2.79 -17.97 -8.16
C GLY A 166 3.80 -18.44 -9.20
N GLY A 167 3.34 -18.56 -10.45
CA GLY A 167 4.17 -19.02 -11.57
C GLY A 167 5.23 -18.03 -12.03
N PRO A 168 6.10 -18.42 -13.01
CA PRO A 168 7.14 -17.48 -13.49
C PRO A 168 6.58 -16.32 -14.33
N ASP A 169 5.29 -16.42 -14.71
CA ASP A 169 4.57 -15.39 -15.47
C ASP A 169 4.35 -14.18 -14.56
N PHE A 170 4.10 -14.43 -13.26
CA PHE A 170 3.83 -13.40 -12.28
C PHE A 170 5.03 -13.16 -11.33
N LYS A 171 6.25 -13.33 -11.88
CA LYS A 171 7.51 -13.06 -11.22
C LYS A 171 7.93 -11.69 -11.79
N TYR A 172 7.88 -10.64 -10.97
CA TYR A 172 8.22 -9.32 -11.47
C TYR A 172 9.55 -8.85 -10.95
N CYS A 173 10.51 -8.71 -11.85
CA CYS A 173 11.82 -8.21 -11.52
C CYS A 173 11.86 -6.70 -11.81
N ILE A 174 12.99 -6.06 -11.47
CA ILE A 174 13.25 -4.63 -11.67
C ILE A 174 13.13 -4.26 -13.16
N ASN A 175 13.54 -5.18 -14.07
CA ASN A 175 13.47 -4.97 -15.51
C ASN A 175 12.04 -4.87 -16.04
N ASP A 176 11.13 -5.76 -15.58
CA ASP A 176 9.71 -5.74 -15.96
C ASP A 176 9.07 -4.40 -15.63
N VAL A 177 9.46 -3.81 -14.47
CA VAL A 177 8.89 -2.53 -14.02
C VAL A 177 9.38 -1.36 -14.89
N THR A 178 10.60 -1.43 -15.48
CA THR A 178 11.08 -0.38 -16.40
C THR A 178 10.25 -0.44 -17.68
N LYS A 179 9.73 -1.64 -18.00
CA LYS A 179 8.87 -1.87 -19.16
C LYS A 179 7.39 -1.42 -18.92
N ALA A 180 7.14 -0.69 -17.82
CA ALA A 180 5.83 -0.09 -17.47
C ALA A 180 6.01 1.44 -17.35
N GLY A 181 7.21 1.92 -17.71
CA GLY A 181 7.56 3.33 -17.76
C GLY A 181 8.40 3.87 -16.61
N HIS A 182 8.82 3.01 -15.68
CA HIS A 182 9.59 3.49 -14.56
C HIS A 182 11.07 3.54 -14.77
N THR A 183 11.72 4.52 -14.16
CA THR A 183 13.16 4.65 -14.25
C THR A 183 13.81 4.21 -12.92
N LEU A 184 15.15 4.10 -12.92
CA LEU A 184 15.91 3.71 -11.75
C LEU A 184 15.89 4.76 -10.64
N GLU A 185 15.38 5.99 -10.95
CA GLU A 185 15.23 7.05 -9.95
C GLU A 185 14.14 6.66 -8.95
N LEU A 186 13.24 5.73 -9.35
CA LEU A 186 12.19 5.18 -8.49
C LEU A 186 12.48 3.73 -8.13
N LEU A 187 12.92 2.93 -9.11
CA LEU A 187 13.13 1.50 -8.90
C LEU A 187 14.28 1.17 -7.97
N GLU A 188 15.34 1.99 -7.94
CA GLU A 188 16.48 1.79 -7.02
C GLU A 188 16.01 2.01 -5.56
N PRO A 189 15.39 3.18 -5.17
CA PRO A 189 14.91 3.34 -3.80
C PRO A 189 13.79 2.37 -3.40
N LEU A 190 12.96 1.92 -4.36
CA LEU A 190 11.86 0.99 -4.14
C LEU A 190 12.36 -0.41 -3.76
N VAL A 191 13.35 -0.94 -4.51
CA VAL A 191 13.97 -2.24 -4.24
C VAL A 191 14.69 -2.18 -2.88
N LYS A 192 15.46 -1.09 -2.63
CA LYS A 192 16.20 -0.87 -1.38
C LYS A 192 15.21 -0.80 -0.18
N PHE A 193 13.97 -0.30 -0.42
CA PHE A 193 12.90 -0.20 0.57
C PHE A 193 12.37 -1.60 0.89
N GLN A 194 12.04 -2.40 -0.16
CA GLN A 194 11.57 -3.78 -0.04
C GLN A 194 12.56 -4.66 0.74
N VAL A 195 13.88 -4.52 0.47
CA VAL A 195 14.95 -5.28 1.11
C VAL A 195 15.02 -5.03 2.62
N GLY A 196 15.04 -3.74 3.00
CA GLY A 196 15.07 -3.31 4.39
C GLY A 196 13.79 -3.63 5.14
N LEU A 197 12.63 -3.62 4.46
CA LEU A 197 11.34 -3.97 5.05
C LEU A 197 11.32 -5.45 5.36
N LYS A 198 11.82 -6.27 4.41
CA LYS A 198 11.87 -7.73 4.53
C LYS A 198 12.80 -8.14 5.63
N LYS A 199 13.95 -7.44 5.75
CA LYS A 199 14.96 -7.69 6.79
C LYS A 199 14.44 -7.37 8.19
N LEU A 200 13.35 -6.56 8.32
CA LEU A 200 12.77 -6.23 9.64
C LEU A 200 12.09 -7.43 10.28
N LYS A 201 11.75 -8.46 9.45
CA LYS A 201 11.11 -9.71 9.85
C LYS A 201 9.85 -9.41 10.69
N LEU A 202 9.01 -8.53 10.19
CA LEU A 202 7.79 -8.11 10.86
C LEU A 202 6.81 -9.25 11.01
N HIS A 203 6.18 -9.30 12.18
CA HIS A 203 5.11 -10.25 12.47
C HIS A 203 3.95 -9.77 11.61
N GLU A 204 2.98 -10.64 11.33
CA GLU A 204 1.81 -10.24 10.55
C GLU A 204 1.09 -9.04 11.23
N GLU A 205 1.01 -9.06 12.57
CA GLU A 205 0.43 -8.04 13.44
C GLU A 205 1.07 -6.67 13.21
N GLU A 206 2.41 -6.62 13.13
CA GLU A 206 3.16 -5.39 12.89
C GLU A 206 2.97 -4.88 11.47
N HIS A 207 3.00 -5.79 10.49
CA HIS A 207 2.80 -5.50 9.08
C HIS A 207 1.45 -4.83 8.83
N VAL A 208 0.38 -5.40 9.39
CA VAL A 208 -0.98 -4.86 9.25
C VAL A 208 -1.14 -3.55 10.02
N LEU A 209 -0.48 -3.40 11.19
CA LEU A 209 -0.56 -2.15 11.95
C LEU A 209 0.14 -1.03 11.17
N LEU A 210 1.29 -1.33 10.53
CA LEU A 210 2.03 -0.37 9.71
C LEU A 210 1.18 0.14 8.54
N MET A 211 0.43 -0.75 7.85
CA MET A 211 -0.46 -0.37 6.75
C MET A 211 -1.56 0.57 7.22
N ALA A 212 -2.17 0.25 8.37
CA ALA A 212 -3.22 1.05 8.97
C ALA A 212 -2.71 2.42 9.44
N ILE A 213 -1.46 2.50 9.96
CA ILE A 213 -0.84 3.76 10.41
C ILE A 213 -0.55 4.63 9.19
N CYS A 214 -0.05 4.01 8.09
CA CYS A 214 0.27 4.67 6.84
C CYS A 214 -0.97 5.32 6.23
N LEU A 215 -2.07 4.54 6.12
CA LEU A 215 -3.35 5.02 5.60
C LEU A 215 -3.96 6.13 6.47
N LEU A 216 -3.95 5.97 7.80
CA LEU A 216 -4.53 6.96 8.70
C LEU A 216 -3.55 8.08 9.10
N SER A 217 -2.69 8.54 8.16
CA SER A 217 -1.78 9.66 8.38
C SER A 217 -2.57 10.98 8.24
N PRO A 218 -2.58 11.89 9.25
CA PRO A 218 -3.35 13.13 9.09
C PRO A 218 -2.73 14.17 8.15
N ASP A 219 -1.40 14.10 7.94
CA ASP A 219 -0.62 15.00 7.08
C ASP A 219 -0.69 14.66 5.59
N ARG A 220 -1.92 14.63 5.06
CA ARG A 220 -2.19 14.33 3.64
C ARG A 220 -3.02 15.46 3.05
N PRO A 221 -2.79 15.85 1.77
CA PRO A 221 -3.62 16.93 1.19
C PRO A 221 -5.08 16.49 1.03
N GLY A 222 -6.00 17.39 1.35
CA GLY A 222 -7.44 17.14 1.25
C GLY A 222 -8.15 16.74 2.52
N VAL A 223 -7.37 16.34 3.56
CA VAL A 223 -7.86 15.90 4.87
C VAL A 223 -8.47 17.08 5.63
N GLN A 224 -9.74 16.95 6.02
CA GLN A 224 -10.47 17.98 6.75
C GLN A 224 -10.44 17.74 8.25
N ASP A 225 -10.86 16.55 8.70
CA ASP A 225 -10.87 16.18 10.10
C ASP A 225 -9.51 15.60 10.52
N HIS A 226 -8.51 16.49 10.62
CA HIS A 226 -7.14 16.19 11.02
C HIS A 226 -7.12 15.61 12.46
N VAL A 227 -7.83 16.28 13.41
CA VAL A 227 -7.92 15.91 14.82
C VAL A 227 -8.36 14.44 15.00
N ARG A 228 -9.53 14.06 14.43
CA ARG A 228 -10.10 12.72 14.49
C ARG A 228 -9.16 11.67 13.92
N ILE A 229 -8.56 11.96 12.74
CA ILE A 229 -7.65 11.07 12.01
C ILE A 229 -6.36 10.83 12.82
N GLU A 230 -5.80 11.90 13.44
CA GLU A 230 -4.61 11.82 14.27
C GLU A 230 -4.91 11.02 15.55
N ALA A 231 -6.13 11.14 16.11
CA ALA A 231 -6.52 10.35 17.29
C ALA A 231 -6.57 8.86 16.93
N LEU A 232 -7.07 8.51 15.73
CA LEU A 232 -7.11 7.13 15.24
C LEU A 232 -5.71 6.61 14.98
N GLN A 233 -4.82 7.44 14.38
CA GLN A 233 -3.43 7.05 14.12
C GLN A 233 -2.61 6.88 15.40
N ASP A 234 -2.80 7.76 16.41
CA ASP A 234 -2.08 7.70 17.69
C ASP A 234 -2.43 6.45 18.47
N ARG A 235 -3.71 6.04 18.43
CA ARG A 235 -4.22 4.84 19.09
C ARG A 235 -3.59 3.60 18.43
N LEU A 236 -3.37 3.63 17.10
CA LEU A 236 -2.74 2.57 16.29
C LEU A 236 -1.23 2.45 16.56
N CYS A 237 -0.53 3.60 16.73
CA CYS A 237 0.89 3.68 17.07
C CYS A 237 1.12 3.09 18.48
N ASP A 238 0.21 3.38 19.43
CA ASP A 238 0.28 2.89 20.82
C ASP A 238 0.16 1.38 20.86
N VAL A 239 -0.77 0.78 20.10
CA VAL A 239 -0.92 -0.69 20.05
C VAL A 239 0.33 -1.31 19.37
N LEU A 240 0.97 -0.61 18.40
CA LEU A 240 2.19 -1.09 17.73
C LEU A 240 3.39 -1.12 18.67
N GLN A 241 3.61 -0.02 19.41
CA GLN A 241 4.68 0.12 20.41
C GLN A 241 4.56 -0.91 21.50
N ALA A 242 3.32 -1.13 22.01
CA ALA A 242 3.03 -2.11 23.05
C ALA A 242 3.19 -3.54 22.50
N TYR A 243 2.78 -3.78 21.24
CA TYR A 243 2.95 -5.12 20.63
C TYR A 243 4.43 -5.48 20.54
N ILE A 244 5.27 -4.58 20.00
CA ILE A 244 6.71 -4.79 19.80
C ILE A 244 7.40 -5.03 21.14
N ARG A 245 7.03 -4.24 22.15
CA ARG A 245 7.58 -4.30 23.49
C ARG A 245 7.31 -5.63 24.16
N ILE A 246 6.04 -6.06 24.20
CA ILE A 246 5.69 -7.27 24.94
C ILE A 246 5.68 -8.55 24.08
N GLN A 247 5.49 -8.46 22.75
CA GLN A 247 5.40 -9.67 21.91
C GLN A 247 6.56 -9.90 20.93
N HIS A 248 7.39 -8.89 20.64
CA HIS A 248 8.48 -9.05 19.69
C HIS A 248 9.80 -9.15 20.43
N PRO A 249 10.43 -10.34 20.46
CA PRO A 249 11.70 -10.46 21.20
C PRO A 249 12.88 -9.78 20.51
N GLY A 250 13.56 -8.91 21.25
CA GLY A 250 14.69 -8.14 20.76
C GLY A 250 14.31 -7.09 19.75
N GLY A 251 13.17 -6.44 19.98
CA GLY A 251 12.65 -5.41 19.08
C GLY A 251 12.68 -4.03 19.67
N ARG A 252 13.66 -3.73 20.55
CA ARG A 252 13.77 -2.41 21.19
C ARG A 252 13.99 -1.27 20.21
N LEU A 253 14.58 -1.57 19.03
CA LEU A 253 14.85 -0.59 17.98
C LEU A 253 13.87 -0.66 16.79
N LEU A 254 12.96 -1.66 16.79
CA LEU A 254 12.02 -1.93 15.70
C LEU A 254 11.01 -0.81 15.43
N TYR A 255 10.30 -0.27 16.45
CA TYR A 255 9.30 0.77 16.23
C TYR A 255 9.84 1.98 15.47
N ALA A 256 11.04 2.45 15.84
CA ALA A 256 11.76 3.56 15.24
C ALA A 256 12.14 3.27 13.80
N LYS A 257 12.51 2.00 13.51
CA LYS A 257 12.86 1.54 12.17
C LYS A 257 11.64 1.50 11.28
N MET A 258 10.47 1.18 11.87
CA MET A 258 9.18 1.10 11.16
C MET A 258 8.70 2.50 10.83
N ILE A 259 8.90 3.45 11.76
CA ILE A 259 8.51 4.84 11.56
C ILE A 259 9.35 5.48 10.44
N GLN A 260 10.65 5.07 10.34
CA GLN A 260 11.55 5.51 9.29
C GLN A 260 11.06 5.00 7.93
N LYS A 261 10.54 3.75 7.89
CA LYS A 261 10.00 3.18 6.66
C LYS A 261 8.82 3.98 6.12
N LEU A 262 8.07 4.66 7.00
CA LEU A 262 6.95 5.52 6.62
C LEU A 262 7.44 6.78 5.93
N ALA A 263 8.61 7.30 6.36
CA ALA A 263 9.22 8.49 5.77
C ALA A 263 9.76 8.15 4.38
N ASP A 264 10.31 6.93 4.24
CA ASP A 264 10.83 6.40 2.99
C ASP A 264 9.71 6.27 1.98
N LEU A 265 8.52 5.85 2.45
CA LEU A 265 7.31 5.71 1.65
C LEU A 265 6.85 7.03 1.07
N ARG A 266 6.92 8.12 1.86
CA ARG A 266 6.56 9.48 1.44
C ARG A 266 7.42 9.92 0.26
N SER A 267 8.74 9.67 0.34
CA SER A 267 9.74 9.97 -0.68
C SER A 267 9.51 9.13 -1.94
N LEU A 268 9.04 7.88 -1.77
CA LEU A 268 8.72 6.96 -2.88
C LEU A 268 7.44 7.39 -3.57
N ASN A 269 6.48 7.93 -2.79
CA ASN A 269 5.21 8.44 -3.28
C ASN A 269 5.51 9.67 -4.18
N GLU A 270 6.42 10.56 -3.73
CA GLU A 270 6.86 11.75 -4.44
C GLU A 270 7.40 11.41 -5.82
N GLU A 271 8.37 10.46 -5.86
CA GLU A 271 9.02 9.96 -7.07
C GLU A 271 8.03 9.24 -7.99
N HIS A 272 7.11 8.43 -7.42
CA HIS A 272 6.07 7.73 -8.18
C HIS A 272 5.09 8.72 -8.82
N SER A 273 4.71 9.81 -8.09
CA SER A 273 3.77 10.84 -8.60
C SER A 273 4.37 11.57 -9.80
N LYS A 274 5.69 11.82 -9.76
CA LYS A 274 6.45 12.49 -10.83
C LYS A 274 6.44 11.63 -12.09
N GLN A 275 6.76 10.34 -11.93
CA GLN A 275 6.83 9.34 -12.99
C GLN A 275 5.45 8.99 -13.55
N TYR A 276 4.42 8.95 -12.68
CA TYR A 276 3.04 8.72 -13.10
C TYR A 276 2.56 9.90 -13.96
N ARG A 277 2.93 11.12 -13.57
CA ARG A 277 2.57 12.36 -14.29
C ARG A 277 3.12 12.29 -15.72
N SER A 278 4.34 11.75 -15.86
CA SER A 278 5.04 11.57 -17.13
C SER A 278 4.28 10.62 -18.07
N LEU A 279 3.63 9.58 -17.52
CA LEU A 279 2.89 8.63 -18.34
C LEU A 279 1.42 9.03 -18.54
N SER A 280 0.79 9.67 -17.55
CA SER A 280 -0.59 10.12 -17.64
C SER A 280 -0.77 11.29 -18.64
N PHE A 281 0.31 12.04 -18.90
CA PHE A 281 0.31 13.16 -19.85
C PHE A 281 0.49 12.70 -21.29
N GLN A 282 0.80 11.40 -21.51
CA GLN A 282 0.94 10.80 -22.86
C GLN A 282 -0.31 9.95 -23.08
N PRO A 283 -1.30 10.40 -23.87
CA PRO A 283 -2.54 9.63 -24.03
C PRO A 283 -2.36 8.19 -24.51
N GLU A 284 -1.34 7.91 -25.36
CA GLU A 284 -1.06 6.57 -25.86
C GLU A 284 -0.65 5.61 -24.72
N HIS A 285 -0.24 6.17 -23.56
CA HIS A 285 0.13 5.40 -22.38
C HIS A 285 -1.01 5.43 -21.38
N SER A 286 -1.59 6.63 -21.12
CA SER A 286 -2.69 6.75 -20.18
C SER A 286 -3.93 5.88 -20.58
N MET A 287 -4.17 5.70 -21.90
CA MET A 287 -5.26 4.85 -22.40
C MET A 287 -5.08 3.37 -22.02
N GLN A 288 -3.83 2.97 -21.66
CA GLN A 288 -3.49 1.62 -21.23
C GLN A 288 -3.78 1.42 -19.75
N LEU A 289 -4.03 2.51 -19.00
CA LEU A 289 -4.35 2.41 -17.57
C LEU A 289 -5.82 2.01 -17.39
N THR A 290 -6.24 1.75 -16.17
CA THR A 290 -7.64 1.40 -15.94
C THR A 290 -8.40 2.62 -15.40
N PRO A 291 -9.76 2.67 -15.53
CA PRO A 291 -10.51 3.80 -14.95
C PRO A 291 -10.22 4.02 -13.46
N LEU A 292 -10.09 2.94 -12.67
CA LEU A 292 -9.79 3.05 -11.23
C LEU A 292 -8.40 3.64 -10.95
N VAL A 293 -7.37 3.25 -11.73
CA VAL A 293 -6.02 3.78 -11.59
C VAL A 293 -6.07 5.30 -11.89
N LEU A 294 -6.72 5.70 -13.01
CA LEU A 294 -6.89 7.11 -13.42
C LEU A 294 -7.54 7.99 -12.33
N GLU A 295 -8.60 7.47 -11.69
CA GLU A 295 -9.36 8.15 -10.65
C GLU A 295 -8.53 8.32 -9.37
N VAL A 296 -7.92 7.23 -8.87
CA VAL A 296 -7.13 7.19 -7.65
C VAL A 296 -5.79 7.97 -7.77
N PHE A 297 -5.05 7.80 -8.88
CA PHE A 297 -3.78 8.51 -9.02
C PHE A 297 -3.95 9.90 -9.67
N GLY A 298 -5.19 10.24 -10.01
CA GLY A 298 -5.59 11.51 -10.61
C GLY A 298 -5.45 12.70 -9.67
N SER A 299 -5.45 13.89 -10.25
CA SER A 299 -5.24 15.14 -9.54
C SER A 299 -6.53 15.87 -9.13
N GLU A 300 -7.70 15.25 -9.37
CA GLU A 300 -9.04 15.74 -9.02
C GLU A 300 -9.15 15.89 -7.49
N VAL A 301 -9.83 16.94 -7.01
CA VAL A 301 -9.96 17.16 -5.56
C VAL A 301 -11.41 17.12 -5.10
N ARG B 1 -15.25 14.19 -8.57
CA ARG B 1 -16.30 13.25 -9.01
C ARG B 1 -16.18 11.95 -8.22
N HIS B 2 -15.06 11.22 -8.44
CA HIS B 2 -14.67 9.97 -7.77
C HIS B 2 -15.78 8.91 -7.73
N LYS B 3 -16.54 8.75 -8.84
CA LYS B 3 -17.68 7.83 -8.99
C LYS B 3 -17.35 6.40 -8.55
N ILE B 4 -16.19 5.85 -8.98
CA ILE B 4 -15.77 4.48 -8.65
C ILE B 4 -15.47 4.38 -7.15
N LEU B 5 -14.63 5.30 -6.63
CA LEU B 5 -14.25 5.38 -5.22
C LEU B 5 -15.48 5.49 -4.32
N HIS B 6 -16.45 6.36 -4.68
CA HIS B 6 -17.72 6.51 -3.93
C HIS B 6 -18.48 5.22 -3.90
N ARG B 7 -18.52 4.51 -5.03
CA ARG B 7 -19.23 3.23 -5.12
C ARG B 7 -18.53 2.16 -4.29
N LEU B 8 -17.21 2.02 -4.43
CA LEU B 8 -16.42 1.02 -3.70
C LEU B 8 -16.40 1.26 -2.19
N LEU B 9 -16.64 2.51 -1.75
CA LEU B 9 -16.70 2.87 -0.34
C LEU B 9 -18.12 2.71 0.23
N GLN B 10 -19.08 2.23 -0.61
CA GLN B 10 -20.50 1.93 -0.35
C GLN B 10 -21.35 3.21 -0.28
#